data_4H6T
#
_entry.id   4H6T
#
_cell.length_a   135.465
_cell.length_b   135.465
_cell.length_c   42.468
_cell.angle_alpha   90.00
_cell.angle_beta   90.00
_cell.angle_gamma   90.00
#
_symmetry.space_group_name_H-M   'P 41 21 2'
#
loop_
_entity.id
_entity.type
_entity.pdbx_description
1 polymer Prothrombin
2 non-polymer 'PHOSPHATE ION'
3 water water
#
_entity_poly.entity_id   1
_entity_poly.type   'polypeptide(L)'
_entity_poly.pdbx_seq_one_letter_code
;TSEYQTFFNPRTFGSGEADCGLRPLFEKKSLEDKTERALLESYIAGRIVAGSDAEIGMSPWQVMLFRKSPQELLCGASLI
SDRWVLTAAHCLLYPPWDKNFTENDLLVRIGKHSRTRYERNIEKISMLEKIYIHPRYNWRENLDRDIALMKLKKPVAFSD
YIHPVCLPDRETAASLLQAGYKGRVTGWGNLKETWTANVGKGQPSVLQVVNLPIVERPVCKDSTRIRITDNMFCAGYKPD
EGKRGDACEGDAGGPFVMKSPFNNRWYQMGIVSWGEGCDRDGKYGFYTHVFRLKKWIQKVIDQFGE
;
_entity_poly.pdbx_strand_id   A
#
loop_
_chem_comp.id
_chem_comp.type
_chem_comp.name
_chem_comp.formula
PO4 non-polymer 'PHOSPHATE ION' 'O4 P -3'
#
# COMPACT_ATOMS: atom_id res chain seq x y z
N THR A 1 2.62 -17.41 -18.24
CA THR A 1 1.62 -16.98 -19.26
C THR A 1 0.39 -16.29 -18.63
N SER A 2 0.65 -15.18 -17.94
CA SER A 2 -0.39 -14.32 -17.39
C SER A 2 -0.22 -12.91 -17.96
N GLU A 3 -1.19 -12.47 -18.77
CA GLU A 3 -1.03 -11.27 -19.57
C GLU A 3 -1.17 -9.94 -18.83
N TYR A 4 -0.28 -9.00 -19.15
CA TYR A 4 -0.31 -7.66 -18.56
C TYR A 4 0.14 -6.59 -19.56
N GLN A 5 -0.78 -5.71 -19.91
CA GLN A 5 -0.52 -4.56 -20.76
C GLN A 5 0.14 -3.42 -19.98
N THR A 6 1.47 -3.27 -20.07
CA THR A 6 2.11 -2.08 -19.46
C THR A 6 1.46 -0.73 -19.87
N PHE A 7 1.44 0.21 -18.92
CA PHE A 7 0.81 1.52 -19.05
C PHE A 7 1.82 2.67 -19.17
N PHE A 8 2.94 2.57 -18.46
CA PHE A 8 3.89 3.68 -18.33
C PHE A 8 5.11 3.61 -19.27
N ASN A 9 5.67 4.75 -19.63
CA ASN A 9 6.94 4.78 -20.34
C ASN A 9 8.16 4.40 -19.44
N PRO A 10 8.83 3.28 -19.77
CA PRO A 10 10.00 2.91 -18.99
C PRO A 10 11.05 3.99 -18.93
N ARG A 11 11.01 4.93 -19.87
CA ARG A 11 11.94 6.05 -19.85
C ARG A 11 11.76 6.92 -18.57
N THR A 12 10.52 7.15 -18.17
CA THR A 12 10.22 7.98 -17.00
C THR A 12 9.89 7.15 -15.78
N PHE A 13 9.21 6.03 -15.98
CA PHE A 13 8.78 5.17 -14.91
C PHE A 13 9.89 4.33 -14.31
N GLY A 14 11.04 4.24 -14.97
CA GLY A 14 12.03 3.23 -14.59
C GLY A 14 11.54 1.90 -15.09
N SER A 15 12.22 0.82 -14.70
CA SER A 15 11.78 -0.52 -15.11
C SER A 15 10.97 -1.23 -14.00
N GLY A 16 10.28 -2.32 -14.38
CA GLY A 16 9.64 -3.20 -13.41
C GLY A 16 8.19 -3.52 -13.72
N GLU A 17 7.55 -2.66 -14.51
CA GLU A 17 6.14 -2.75 -14.81
C GLU A 17 5.73 -4.05 -15.50
N ALA A 18 6.47 -4.49 -16.52
CA ALA A 18 6.06 -5.69 -17.25
C ALA A 18 5.91 -6.91 -16.35
N ASP A 19 6.78 -7.03 -15.36
CA ASP A 19 6.72 -8.14 -14.44
C ASP A 19 6.07 -7.80 -13.08
N CYS A 20 5.28 -6.71 -13.02
CA CYS A 20 4.80 -6.20 -11.72
C CYS A 20 3.83 -7.13 -11.04
N GLY A 21 3.82 -7.11 -9.71
CA GLY A 21 2.81 -7.82 -8.96
C GLY A 21 2.80 -9.32 -9.05
N LEU A 22 3.92 -9.91 -9.50
CA LEU A 22 4.12 -11.35 -9.42
C LEU A 22 5.29 -11.51 -8.51
N ARG A 23 5.09 -12.23 -7.41
CA ARG A 23 6.10 -12.42 -6.40
C ARG A 23 7.01 -13.59 -6.71
N PRO A 24 8.34 -13.39 -6.59
CA PRO A 24 9.30 -14.47 -6.88
C PRO A 24 9.14 -15.67 -5.95
N LEU A 25 8.85 -15.42 -4.68
CA LEU A 25 8.74 -16.52 -3.71
C LEU A 25 7.34 -17.14 -3.64
N PHE A 26 6.44 -16.68 -4.53
CA PHE A 26 5.05 -17.15 -4.57
C PHE A 26 4.52 -17.42 -5.96
N GLU A 27 3.89 -16.43 -6.62
CA GLU A 27 3.37 -16.61 -7.98
C GLU A 27 4.39 -17.17 -9.01
N LYS A 28 5.67 -16.97 -8.74
CA LYS A 28 6.70 -17.35 -9.71
C LYS A 28 7.17 -18.78 -9.41
N LYS A 29 7.00 -19.22 -8.16
CA LYS A 29 7.30 -20.59 -7.74
C LYS A 29 6.07 -21.49 -7.67
N SER A 30 4.96 -21.04 -8.25
CA SER A 30 3.64 -21.66 -8.08
C SER A 30 3.23 -21.91 -6.61
N LEU A 31 3.66 -21.04 -5.70
CA LEU A 31 3.27 -21.11 -4.30
C LEU A 31 2.25 -20.02 -3.91
N GLU A 32 1.59 -20.21 -2.77
CA GLU A 32 0.57 -19.32 -2.26
C GLU A 32 0.88 -18.97 -0.84
N ASP A 33 0.59 -17.74 -0.44
CA ASP A 33 0.81 -17.39 0.96
C ASP A 33 -0.29 -18.03 1.82
N LYS A 34 -0.09 -18.05 3.12
CA LYS A 34 -0.99 -18.79 4.00
C LYS A 34 -2.40 -18.21 4.08
N THR A 35 -2.61 -16.97 3.62
CA THR A 35 -3.93 -16.36 3.74
C THR A 35 -4.59 -15.88 2.48
N GLU A 36 -3.91 -15.95 1.34
CA GLU A 36 -4.53 -15.40 0.11
C GLU A 36 -5.85 -16.02 -0.33
N ARG A 37 -6.10 -17.26 0.01
CA ARG A 37 -7.37 -17.89 -0.34
C ARG A 37 -8.51 -17.30 0.49
N ALA A 38 -8.21 -16.95 1.73
CA ALA A 38 -9.13 -16.19 2.55
C ALA A 38 -9.66 -14.95 1.86
N LEU A 39 -8.92 -14.37 0.91
CA LEU A 39 -9.40 -13.22 0.14
C LEU A 39 -10.49 -13.66 -0.83
N LEU A 40 -10.51 -14.96 -1.10
CA LEU A 40 -11.54 -15.54 -1.93
C LEU A 40 -12.68 -16.06 -1.07
N GLU A 41 -12.60 -15.72 0.22
CA GLU A 41 -13.64 -16.06 1.18
C GLU A 41 -13.65 -17.58 1.50
N SER A 42 -12.53 -18.23 1.17
CA SER A 42 -12.33 -19.66 1.32
C SER A 42 -11.28 -19.96 2.41
N TYR A 43 -11.65 -20.78 3.39
CA TYR A 43 -10.82 -20.99 4.57
C TYR A 43 -10.44 -22.47 4.75
N ILE A 44 -9.15 -22.75 4.65
CA ILE A 44 -8.60 -24.10 4.44
C ILE A 44 -7.91 -24.70 5.69
N ALA A 45 -7.14 -23.90 6.42
CA ALA A 45 -6.43 -24.38 7.62
C ALA A 45 -7.09 -23.90 8.94
N GLY A 46 -8.28 -23.32 8.83
CA GLY A 46 -9.05 -22.85 9.99
C GLY A 46 -9.08 -21.34 10.01
N ARG A 47 -10.16 -20.77 10.55
CA ARG A 47 -10.25 -19.31 10.71
C ARG A 47 -9.08 -18.73 11.54
N ILE A 48 -8.25 -17.94 10.87
CA ILE A 48 -7.00 -17.42 11.46
C ILE A 48 -7.20 -16.49 12.67
N VAL A 49 -8.16 -15.56 12.54
CA VAL A 49 -8.50 -14.56 13.59
C VAL A 49 -7.58 -13.31 13.59
N ALA A 50 -8.21 -12.13 13.64
CA ALA A 50 -7.54 -10.81 13.62
C ALA A 50 -6.55 -10.65 12.42
N GLY A 51 -5.31 -10.27 12.71
CA GLY A 51 -4.21 -10.25 11.73
C GLY A 51 -3.06 -11.17 12.13
N SER A 52 -2.16 -11.45 11.19
CA SER A 52 -1.09 -12.41 11.45
C SER A 52 0.21 -12.04 10.76
N ASP A 53 1.25 -12.83 11.01
CA ASP A 53 2.58 -12.52 10.53
C ASP A 53 2.69 -12.79 9.03
N ALA A 54 3.31 -11.88 8.30
CA ALA A 54 3.56 -12.13 6.88
C ALA A 54 4.69 -13.14 6.74
N GLU A 55 4.67 -13.89 5.63
CA GLU A 55 5.75 -14.80 5.35
C GLU A 55 6.85 -14.04 4.64
N ILE A 56 8.08 -14.53 4.79
CA ILE A 56 9.19 -14.07 4.00
C ILE A 56 8.69 -13.87 2.58
N GLY A 57 8.81 -12.65 2.05
CA GLY A 57 8.66 -12.40 0.61
C GLY A 57 7.24 -12.26 0.12
N MET A 58 6.33 -12.07 1.06
CA MET A 58 4.90 -12.08 0.77
C MET A 58 4.41 -10.76 0.19
N SER A 59 5.24 -9.75 0.34
CA SER A 59 4.87 -8.39 0.12
C SER A 59 6.16 -7.65 -0.31
N PRO A 60 6.78 -8.11 -1.42
CA PRO A 60 8.08 -7.55 -1.78
C PRO A 60 8.01 -6.12 -2.33
N TRP A 61 6.82 -5.52 -2.36
CA TRP A 61 6.68 -4.10 -2.73
C TRP A 61 6.63 -3.18 -1.47
N GLN A 62 6.78 -3.78 -0.31
CA GLN A 62 6.65 -3.08 0.96
C GLN A 62 7.87 -2.19 1.14
N VAL A 63 7.62 -0.92 1.45
CA VAL A 63 8.69 0.03 1.66
C VAL A 63 8.47 0.79 2.97
N MET A 64 9.49 0.86 3.81
CA MET A 64 9.35 1.64 5.04
C MET A 64 9.96 3.01 4.86
N LEU A 65 9.26 4.03 5.33
CA LEU A 65 9.75 5.41 5.23
C LEU A 65 10.27 5.87 6.58
N PHE A 66 11.55 6.19 6.63
CA PHE A 66 12.18 6.61 7.88
C PHE A 66 12.59 8.07 7.94
N ARG A 67 12.53 8.68 9.11
CA ARG A 67 13.22 9.95 9.34
C ARG A 67 14.69 9.61 9.55
N LYS A 68 15.57 10.26 8.78
CA LYS A 68 17.03 10.05 8.82
C LYS A 68 17.69 10.11 10.21
N SER A 69 17.40 11.18 10.93
CA SER A 69 18.06 11.49 12.20
C SER A 69 17.15 12.41 12.98
N PRO A 70 16.64 11.91 14.11
CA PRO A 70 16.98 10.57 14.56
C PRO A 70 16.15 9.51 13.84
N GLN A 71 16.76 8.37 13.53
CA GLN A 71 16.07 7.24 12.88
C GLN A 71 14.77 6.91 13.58
N GLU A 72 13.65 7.21 12.93
CA GLU A 72 12.37 6.76 13.41
C GLU A 72 11.44 6.35 12.27
N LEU A 73 10.59 5.35 12.52
CA LEU A 73 9.70 4.81 11.51
C LEU A 73 8.53 5.74 11.35
N LEU A 74 8.42 6.38 10.20
CA LEU A 74 7.38 7.36 9.91
C LEU A 74 6.09 6.75 9.38
N CYS A 75 6.22 5.91 8.35
CA CYS A 75 5.08 5.49 7.54
C CYS A 75 5.44 4.28 6.72
N GLY A 76 4.42 3.64 6.15
CA GLY A 76 4.58 2.68 5.08
C GLY A 76 4.54 3.34 3.71
N ALA A 77 4.84 2.54 2.69
CA ALA A 77 4.93 3.00 1.32
C ALA A 77 5.01 1.79 0.42
N SER A 78 4.90 1.97 -0.89
CA SER A 78 4.94 0.81 -1.77
C SER A 78 5.82 1.09 -2.97
N LEU A 79 6.39 0.04 -3.56
CA LEU A 79 7.31 0.23 -4.64
C LEU A 79 6.58 -0.08 -5.90
N ILE A 80 6.53 0.85 -6.83
CA ILE A 80 5.82 0.58 -8.08
C ILE A 80 6.73 0.40 -9.29
N SER A 81 8.01 0.68 -9.13
CA SER A 81 8.97 0.55 -10.20
C SER A 81 10.31 0.46 -9.52
N ASP A 82 11.42 0.47 -10.26
CA ASP A 82 12.70 0.44 -9.56
C ASP A 82 13.09 1.83 -9.07
N ARG A 83 12.27 2.80 -9.43
CA ARG A 83 12.63 4.22 -9.34
C ARG A 83 11.57 5.04 -8.56
N TRP A 84 10.33 4.55 -8.58
CA TRP A 84 9.21 5.25 -7.97
C TRP A 84 8.57 4.52 -6.80
N VAL A 85 8.14 5.30 -5.82
CA VAL A 85 7.55 4.77 -4.60
C VAL A 85 6.27 5.55 -4.28
N LEU A 86 5.22 4.84 -3.88
CA LEU A 86 3.96 5.51 -3.54
C LEU A 86 3.83 5.61 -2.04
N THR A 87 3.26 6.71 -1.57
CA THR A 87 2.90 6.84 -0.16
C THR A 87 1.77 7.84 0.08
N ALA A 88 1.43 8.06 1.35
CA ALA A 88 0.41 9.06 1.73
C ALA A 88 1.03 10.45 1.97
N ALA A 89 0.37 11.47 1.45
CA ALA A 89 0.81 12.85 1.60
C ALA A 89 1.01 13.26 3.09
N HIS A 90 0.09 12.88 3.96
CA HIS A 90 0.13 13.39 5.31
C HIS A 90 1.30 12.81 6.08
N CYS A 91 1.91 11.80 5.54
CA CYS A 91 3.14 11.30 6.06
C CYS A 91 4.28 12.31 5.93
N LEU A 92 4.21 13.19 4.94
CA LEU A 92 5.28 14.15 4.66
C LEU A 92 4.90 15.58 5.05
N LEU A 93 3.68 15.96 4.69
CA LEU A 93 3.20 17.27 4.89
C LEU A 93 1.93 17.22 5.74
N TYR A 94 2.04 17.77 6.94
CA TYR A 94 0.92 17.88 7.82
C TYR A 94 1.08 19.12 8.69
N PRO A 95 0.57 20.25 8.22
CA PRO A 95 0.79 21.50 8.95
C PRO A 95 0.29 21.51 10.39
N PRO A 96 -0.89 20.89 10.69
CA PRO A 96 -1.35 20.99 12.06
C PRO A 96 -0.36 20.42 13.05
N TRP A 97 0.53 19.54 12.61
CA TRP A 97 1.57 19.08 13.48
C TRP A 97 2.93 19.69 13.18
N ASP A 98 2.97 20.71 12.32
CA ASP A 98 4.24 21.35 11.94
C ASP A 98 5.11 20.33 11.21
N LYS A 99 4.47 19.51 10.38
CA LYS A 99 5.18 18.46 9.69
C LYS A 99 5.38 18.88 8.25
N ASN A 100 6.64 18.93 7.83
CA ASN A 100 6.97 19.21 6.46
C ASN A 100 8.29 18.60 6.01
N PHE A 101 8.33 17.29 5.82
CA PHE A 101 9.57 16.64 5.36
C PHE A 101 9.82 16.81 3.86
N THR A 102 11.10 17.01 3.54
CA THR A 102 11.62 17.07 2.19
C THR A 102 12.61 15.92 1.98
N GLU A 103 13.01 15.68 0.74
CA GLU A 103 13.99 14.64 0.37
C GLU A 103 15.14 14.38 1.33
N ASN A 104 15.74 15.44 1.86
CA ASN A 104 16.95 15.32 2.68
C ASN A 104 16.69 14.80 4.11
N ASP A 105 15.44 14.96 4.56
CA ASP A 105 15.02 14.51 5.90
C ASP A 105 14.86 12.97 6.04
N LEU A 106 14.83 12.27 4.90
CA LEU A 106 14.23 10.94 4.79
C LEU A 106 15.06 9.90 4.10
N LEU A 107 14.90 8.65 4.54
CA LEU A 107 15.35 7.52 3.75
C LEU A 107 14.31 6.38 3.74
N VAL A 108 14.46 5.45 2.80
CA VAL A 108 13.56 4.31 2.69
C VAL A 108 14.26 2.97 2.80
N ARG A 109 13.66 2.09 3.59
CA ARG A 109 14.15 0.72 3.70
C ARG A 109 13.17 -0.18 2.95
N ILE A 110 13.74 -1.01 2.09
CA ILE A 110 13.00 -1.88 1.20
C ILE A 110 13.47 -3.33 1.42
N GLY A 111 12.55 -4.28 1.33
CA GLY A 111 12.91 -5.67 1.56
C GLY A 111 12.88 -6.23 2.97
N LYS A 112 12.56 -5.44 3.99
CA LYS A 112 12.55 -5.93 5.40
C LYS A 112 11.38 -6.83 5.76
N HIS A 113 11.63 -7.82 6.60
CA HIS A 113 10.59 -8.75 6.99
C HIS A 113 10.39 -8.67 8.48
N SER A 114 11.50 -8.72 9.21
CA SER A 114 11.52 -8.60 10.67
C SER A 114 11.64 -7.13 11.04
N ARG A 115 11.83 -6.84 12.33
CA ARG A 115 12.35 -5.54 12.73
C ARG A 115 13.38 -5.64 13.87
N THR A 116 13.27 -6.68 14.71
CA THR A 116 14.31 -6.97 15.71
C THR A 116 15.38 -7.91 15.13
N ARG A 117 15.81 -7.60 13.89
CA ARG A 117 16.85 -8.34 13.18
C ARG A 117 17.16 -7.66 11.83
N TYR A 118 18.43 -7.32 11.59
CA TYR A 118 18.85 -6.79 10.29
C TYR A 118 18.92 -7.96 9.30
N GLU A 119 18.97 -7.64 8.02
CA GLU A 119 18.91 -8.65 6.97
C GLU A 119 20.06 -8.46 5.97
N ARG A 120 21.00 -9.40 5.99
CA ARG A 120 22.22 -9.35 5.16
C ARG A 120 21.88 -9.70 3.71
N ASN A 121 22.38 -8.88 2.76
CA ASN A 121 22.11 -9.01 1.31
C ASN A 121 20.62 -8.89 0.94
N ILE A 122 19.75 -8.72 1.95
CA ILE A 122 18.28 -8.73 1.75
C ILE A 122 17.65 -7.33 1.70
N GLU A 123 17.62 -6.62 2.84
CA GLU A 123 17.08 -5.26 2.90
C GLU A 123 18.02 -4.22 2.28
N LYS A 124 17.45 -3.27 1.56
CA LYS A 124 18.24 -2.20 0.99
C LYS A 124 17.84 -0.87 1.60
N ILE A 125 18.83 -0.03 1.85
CA ILE A 125 18.56 1.34 2.19
C ILE A 125 18.65 2.14 0.91
N SER A 126 17.86 3.19 0.83
CA SER A 126 17.87 4.08 -0.31
C SER A 126 17.47 5.48 0.09
N MET A 127 18.16 6.47 -0.48
CA MET A 127 17.89 7.89 -0.24
C MET A 127 16.90 8.39 -1.30
N LEU A 128 16.35 9.59 -1.12
CA LEU A 128 15.35 10.12 -2.04
C LEU A 128 15.83 11.29 -2.90
N GLU A 129 15.75 11.17 -4.21
CA GLU A 129 15.97 12.33 -5.09
C GLU A 129 14.97 13.47 -4.84
N LYS A 130 13.68 13.15 -4.90
CA LYS A 130 12.60 14.16 -4.83
C LYS A 130 11.23 13.58 -4.39
N ILE A 131 10.52 14.41 -3.63
CA ILE A 131 9.18 14.17 -3.09
C ILE A 131 8.18 14.95 -3.96
N TYR A 132 7.03 14.36 -4.27
CA TYR A 132 5.98 15.05 -5.02
C TYR A 132 4.67 14.86 -4.33
N ILE A 133 4.05 15.94 -3.86
CA ILE A 133 2.80 15.83 -3.14
C ILE A 133 1.63 16.35 -3.95
N HIS A 134 0.50 15.66 -3.91
CA HIS A 134 -0.62 16.15 -4.67
C HIS A 134 -0.89 17.59 -4.28
N PRO A 135 -1.03 18.48 -5.28
CA PRO A 135 -1.30 19.90 -4.99
C PRO A 135 -2.71 20.17 -4.47
N ARG A 136 -3.66 19.27 -4.64
CA ARG A 136 -4.98 19.46 -4.03
C ARG A 136 -5.19 18.52 -2.84
N TYR A 137 -4.07 18.10 -2.24
CA TYR A 137 -4.08 17.38 -0.99
C TYR A 137 -4.66 18.27 0.10
N ASN A 138 -5.74 17.78 0.72
CA ASN A 138 -6.51 18.53 1.70
C ASN A 138 -6.33 17.93 3.10
N TRP A 139 -5.67 18.68 3.97
CA TRP A 139 -5.36 18.22 5.30
C TRP A 139 -6.28 18.89 6.31
N ARG A 140 -7.04 19.88 5.80
CA ARG A 140 -7.90 20.80 6.58
C ARG A 140 -9.14 20.10 7.05
N GLU A 141 -9.48 19.01 6.36
CA GLU A 141 -10.84 18.45 6.42
C GLU A 141 -10.74 16.93 6.55
N ASN A 142 -10.76 16.27 5.38
CA ASN A 142 -10.92 14.83 5.22
C ASN A 142 -9.69 14.07 4.69
N LEU A 143 -8.56 14.75 4.50
CA LEU A 143 -7.41 14.12 3.89
C LEU A 143 -7.64 13.75 2.40
N ASP A 144 -8.51 14.50 1.72
CA ASP A 144 -8.73 14.33 0.29
C ASP A 144 -7.38 14.38 -0.45
N ARG A 145 -7.21 13.44 -1.38
CA ARG A 145 -6.05 13.38 -2.27
C ARG A 145 -4.74 13.14 -1.54
N ASP A 146 -4.84 12.31 -0.50
CA ASP A 146 -3.75 11.91 0.36
C ASP A 146 -2.84 10.90 -0.37
N ILE A 147 -1.89 11.42 -1.15
CA ILE A 147 -1.06 10.60 -2.04
C ILE A 147 0.18 11.43 -2.34
N ALA A 148 1.31 10.76 -2.47
CA ALA A 148 2.58 11.45 -2.75
C ALA A 148 3.44 10.44 -3.46
N LEU A 149 4.35 10.93 -4.30
CA LEU A 149 5.34 10.10 -4.98
C LEU A 149 6.71 10.53 -4.53
N MET A 150 7.63 9.57 -4.45
CA MET A 150 8.98 9.82 -4.05
C MET A 150 9.91 9.14 -5.06
N LYS A 151 10.89 9.87 -5.62
CA LYS A 151 11.76 9.27 -6.61
C LYS A 151 13.02 8.84 -5.93
N LEU A 152 13.46 7.61 -6.15
CA LEU A 152 14.71 7.18 -5.53
C LEU A 152 15.97 7.87 -6.09
N LYS A 153 16.96 8.08 -5.21
CA LYS A 153 18.26 8.53 -5.62
C LYS A 153 18.81 7.60 -6.70
N LYS A 154 19.08 6.35 -6.36
CA LYS A 154 19.44 5.34 -7.37
C LYS A 154 18.38 4.25 -7.43
N PRO A 155 18.06 3.75 -8.64
CA PRO A 155 17.17 2.61 -8.79
C PRO A 155 17.56 1.44 -7.91
N VAL A 156 16.57 0.83 -7.30
CA VAL A 156 16.86 -0.31 -6.48
C VAL A 156 16.94 -1.56 -7.37
N ALA A 157 17.74 -2.53 -6.92
CA ALA A 157 17.87 -3.81 -7.58
C ALA A 157 16.82 -4.74 -7.02
N PHE A 158 16.00 -5.30 -7.90
CA PHE A 158 14.98 -6.30 -7.57
C PHE A 158 15.61 -7.61 -7.15
N SER A 159 15.10 -8.18 -6.06
CA SER A 159 15.49 -9.52 -5.67
C SER A 159 14.22 -10.36 -5.40
N ASP A 160 14.36 -11.46 -4.65
CA ASP A 160 13.23 -12.25 -4.19
C ASP A 160 12.39 -11.49 -3.17
N TYR A 161 12.94 -10.38 -2.71
CA TYR A 161 12.43 -9.67 -1.56
C TYR A 161 12.01 -8.28 -1.96
N ILE A 162 12.34 -7.91 -3.19
CA ILE A 162 12.11 -6.57 -3.70
C ILE A 162 11.59 -6.72 -5.08
N HIS A 163 10.36 -6.26 -5.30
CA HIS A 163 9.67 -6.43 -6.57
C HIS A 163 8.45 -5.50 -6.51
N PRO A 164 8.13 -4.81 -7.62
CA PRO A 164 7.10 -3.80 -7.53
C PRO A 164 5.68 -4.38 -7.69
N VAL A 165 4.70 -3.57 -7.32
CA VAL A 165 3.30 -3.94 -7.40
C VAL A 165 2.65 -3.21 -8.59
N CYS A 166 1.56 -3.74 -9.13
CA CYS A 166 0.91 -3.18 -10.31
C CYS A 166 -0.10 -2.13 -9.92
N LEU A 167 -0.32 -1.19 -10.82
CA LEU A 167 -1.35 -0.20 -10.61
C LEU A 167 -2.52 -0.50 -11.54
N PRO A 168 -3.76 -0.34 -11.05
CA PRO A 168 -4.90 -0.85 -11.81
C PRO A 168 -5.27 -0.08 -13.09
N ASP A 169 -5.81 -0.78 -14.07
CA ASP A 169 -6.45 -0.16 -15.21
C ASP A 169 -7.95 0.00 -14.85
N ARG A 170 -8.72 0.66 -15.72
CA ARG A 170 -10.14 0.88 -15.48
C ARG A 170 -10.90 -0.41 -15.23
N GLU A 171 -10.64 -1.38 -16.10
CA GLU A 171 -11.32 -2.67 -16.05
C GLU A 171 -11.09 -3.37 -14.73
N THR A 172 -9.83 -3.41 -14.28
CA THR A 172 -9.46 -4.00 -12.99
C THR A 172 -10.12 -3.23 -11.84
N ALA A 173 -10.10 -1.92 -11.95
CA ALA A 173 -10.63 -1.10 -10.90
C ALA A 173 -12.15 -1.28 -10.83
N ALA A 174 -12.79 -1.21 -11.99
CA ALA A 174 -14.23 -1.38 -12.08
C ALA A 174 -14.72 -2.70 -11.53
N SER A 175 -13.90 -3.75 -11.67
CA SER A 175 -14.35 -5.08 -11.29
C SER A 175 -13.90 -5.52 -9.89
N LEU A 176 -12.65 -5.27 -9.52
CA LEU A 176 -12.12 -5.66 -8.20
C LEU A 176 -12.59 -4.71 -7.11
N LEU A 177 -12.64 -3.43 -7.45
CA LEU A 177 -12.93 -2.44 -6.44
C LEU A 177 -14.43 -2.27 -6.17
N GLN A 178 -15.04 -3.31 -5.60
CA GLN A 178 -16.44 -3.31 -5.25
C GLN A 178 -16.68 -4.05 -3.94
N ALA A 179 -17.79 -3.69 -3.29
CA ALA A 179 -18.10 -4.15 -1.97
C ALA A 179 -18.16 -5.65 -1.92
N GLY A 180 -17.66 -6.22 -0.83
CA GLY A 180 -17.68 -7.65 -0.68
C GLY A 180 -16.43 -8.32 -1.18
N TYR A 181 -15.75 -7.72 -2.17
CA TYR A 181 -14.41 -8.23 -2.52
C TYR A 181 -13.42 -7.88 -1.42
N LYS A 182 -12.38 -8.68 -1.26
CA LYS A 182 -11.46 -8.48 -0.18
C LYS A 182 -10.10 -7.96 -0.66
N GLY A 183 -9.47 -7.14 0.15
CA GLY A 183 -8.11 -6.66 -0.12
C GLY A 183 -7.22 -6.92 1.09
N ARG A 184 -5.99 -6.46 1.01
CA ARG A 184 -4.99 -6.79 1.99
C ARG A 184 -4.20 -5.54 2.37
N VAL A 185 -4.02 -5.35 3.66
CA VAL A 185 -3.21 -4.26 4.12
C VAL A 185 -2.09 -4.87 4.92
N THR A 186 -0.97 -4.19 4.99
CA THR A 186 0.18 -4.67 5.79
C THR A 186 0.69 -3.55 6.68
N GLY A 187 1.18 -3.93 7.87
CA GLY A 187 1.74 -2.96 8.79
C GLY A 187 2.63 -3.53 9.88
N TRP A 188 3.44 -2.65 10.48
CA TRP A 188 4.20 -3.01 11.67
C TRP A 188 3.41 -2.62 12.91
N GLY A 189 2.24 -2.03 12.69
CA GLY A 189 1.39 -1.51 13.77
C GLY A 189 1.97 -0.29 14.50
N GLN A 203 4.03 -3.73 20.17
CA GLN A 203 4.97 -4.84 20.22
C GLN A 203 4.53 -6.14 19.48
N PRO A 204 4.51 -6.11 18.13
CA PRO A 204 4.74 -7.31 17.31
C PRO A 204 6.07 -7.15 16.52
N SER A 205 6.70 -8.26 16.10
CA SER A 205 8.10 -8.16 15.65
C SER A 205 8.38 -8.54 14.17
N VAL A 206 7.35 -9.02 13.48
CA VAL A 206 7.39 -9.27 12.04
C VAL A 206 6.17 -8.57 11.44
N LEU A 207 6.29 -8.16 10.16
CA LEU A 207 5.24 -7.50 9.40
C LEU A 207 3.89 -8.25 9.47
N GLN A 208 2.83 -7.52 9.80
CA GLN A 208 1.50 -8.13 9.99
C GLN A 208 0.66 -7.95 8.73
N VAL A 209 -0.14 -8.97 8.40
CA VAL A 209 -1.07 -8.92 7.27
C VAL A 209 -2.50 -9.01 7.78
N VAL A 210 -3.40 -8.19 7.24
CA VAL A 210 -4.80 -8.30 7.55
C VAL A 210 -5.56 -8.27 6.23
N ASN A 211 -6.56 -9.14 6.08
CA ASN A 211 -7.41 -9.09 4.90
C ASN A 211 -8.75 -8.49 5.27
N LEU A 212 -9.30 -7.65 4.40
CA LEU A 212 -10.44 -6.80 4.71
C LEU A 212 -11.36 -6.71 3.52
N PRO A 213 -12.67 -6.73 3.74
CA PRO A 213 -13.58 -6.56 2.63
C PRO A 213 -13.84 -5.12 2.37
N ILE A 214 -13.96 -4.78 1.08
CA ILE A 214 -14.42 -3.47 0.67
C ILE A 214 -15.86 -3.21 1.07
N VAL A 215 -16.12 -2.02 1.61
CA VAL A 215 -17.40 -1.65 2.18
C VAL A 215 -18.11 -0.73 1.22
N GLU A 216 -19.45 -0.84 1.13
CA GLU A 216 -20.13 0.00 0.14
C GLU A 216 -20.13 1.48 0.48
N ARG A 217 -20.03 2.29 -0.58
CA ARG A 217 -19.86 3.73 -0.45
C ARG A 217 -20.88 4.34 0.51
N PRO A 218 -22.17 4.03 0.33
CA PRO A 218 -23.17 4.63 1.23
C PRO A 218 -22.97 4.27 2.70
N VAL A 219 -22.51 3.06 2.99
CA VAL A 219 -22.15 2.70 4.36
C VAL A 219 -20.85 3.39 4.83
N CYS A 220 -19.87 3.58 3.93
CA CYS A 220 -18.65 4.32 4.30
C CYS A 220 -19.05 5.75 4.72
N LYS A 221 -19.80 6.45 3.87
CA LYS A 221 -20.37 7.77 4.17
C LYS A 221 -21.13 7.82 5.50
N ASP A 222 -21.85 6.74 5.86
CA ASP A 222 -22.66 6.76 7.08
C ASP A 222 -21.91 6.44 8.38
N SER A 223 -20.64 6.08 8.30
CA SER A 223 -19.93 5.63 9.50
C SER A 223 -19.22 6.77 10.18
N THR A 224 -19.25 7.92 9.55
CA THR A 224 -18.44 9.03 9.98
C THR A 224 -19.06 10.34 9.54
N ARG A 225 -18.78 11.38 10.31
CA ARG A 225 -19.22 12.70 9.91
C ARG A 225 -18.15 13.41 9.09
N ILE A 226 -17.06 12.71 8.78
CA ILE A 226 -16.08 13.25 7.83
C ILE A 226 -16.70 13.12 6.45
N ARG A 227 -16.50 14.15 5.64
CA ARG A 227 -16.98 14.15 4.26
C ARG A 227 -16.12 13.15 3.50
N ILE A 228 -16.75 12.12 2.94
CA ILE A 228 -16.02 11.14 2.11
C ILE A 228 -16.21 11.47 0.64
N THR A 229 -15.11 11.59 -0.08
CA THR A 229 -15.12 11.96 -1.48
C THR A 229 -14.89 10.71 -2.32
N ASP A 230 -15.05 10.83 -3.63
CA ASP A 230 -14.82 9.70 -4.53
C ASP A 230 -13.35 9.37 -4.72
N ASN A 231 -12.47 10.18 -4.15
CA ASN A 231 -11.03 9.91 -4.20
C ASN A 231 -10.62 8.95 -3.08
N MET A 232 -11.62 8.36 -2.41
CA MET A 232 -11.44 7.48 -1.26
C MET A 232 -12.37 6.29 -1.34
N PHE A 233 -11.92 5.14 -0.87
CA PHE A 233 -12.84 4.06 -0.59
C PHE A 233 -12.63 3.61 0.84
N CYS A 234 -13.48 2.68 1.32
CA CYS A 234 -13.21 2.09 2.59
C CYS A 234 -13.36 0.58 2.67
N ALA A 235 -12.72 -0.02 3.67
CA ALA A 235 -12.73 -1.45 3.84
C ALA A 235 -12.78 -1.74 5.29
N GLY A 236 -13.32 -2.89 5.64
CA GLY A 236 -13.28 -3.38 7.01
C GLY A 236 -14.59 -4.00 7.47
N TYR A 237 -14.74 -4.07 8.78
CA TYR A 237 -15.90 -4.71 9.37
C TYR A 237 -16.73 -3.76 10.20
N LYS A 238 -18.03 -4.03 10.29
CA LYS A 238 -18.95 -3.22 11.11
C LYS A 238 -18.54 -3.16 12.60
N PRO A 239 -18.75 -2.00 13.30
CA PRO A 239 -18.44 -1.88 14.75
C PRO A 239 -19.01 -3.01 15.65
N ASP A 240 -20.15 -3.58 15.22
CA ASP A 240 -20.68 -4.88 15.70
C ASP A 240 -19.63 -5.97 15.79
N GLU A 241 -18.93 -6.19 14.67
CA GLU A 241 -18.16 -7.40 14.40
C GLU A 241 -16.83 -7.47 15.15
N GLY A 242 -16.79 -8.33 16.18
CA GLY A 242 -15.65 -8.53 17.08
C GLY A 242 -14.34 -8.96 16.45
N LYS A 243 -13.72 -10.01 16.98
CA LYS A 243 -12.32 -10.35 16.64
C LYS A 243 -12.15 -10.85 15.19
N ARG A 244 -12.02 -9.92 14.26
CA ARG A 244 -12.09 -10.20 12.81
C ARG A 244 -10.79 -9.97 12.02
N GLY A 245 -10.16 -8.82 12.26
CA GLY A 245 -9.15 -8.28 11.35
C GLY A 245 -9.24 -6.78 11.50
N ASP A 246 -8.16 -6.19 11.97
CA ASP A 246 -8.14 -4.79 12.39
C ASP A 246 -7.53 -3.90 11.31
N ALA A 247 -8.38 -3.12 10.64
CA ALA A 247 -7.88 -2.18 9.63
C ALA A 247 -6.70 -1.34 10.14
N CYS A 248 -6.76 -0.89 11.40
CA CYS A 248 -5.76 0.03 11.93
C CYS A 248 -4.33 -0.55 12.11
N GLU A 249 -4.18 -1.83 11.78
CA GLU A 249 -2.90 -2.54 11.75
C GLU A 249 -2.05 -2.06 10.61
N GLY A 250 -2.72 -1.56 9.56
CA GLY A 250 -2.03 -1.12 8.35
C GLY A 250 -1.40 0.23 8.53
N ASP A 251 -0.11 0.32 8.24
CA ASP A 251 0.59 1.57 8.48
C ASP A 251 0.18 2.64 7.47
N ALA A 252 -0.01 3.85 7.95
CA ALA A 252 -0.35 4.98 7.10
C ALA A 252 0.64 5.07 5.95
N GLY A 253 0.09 5.31 4.75
CA GLY A 253 0.87 5.41 3.50
C GLY A 253 1.27 4.12 2.82
N GLY A 254 1.03 2.98 3.49
CA GLY A 254 1.35 1.69 2.91
C GLY A 254 0.27 1.22 1.96
N PRO A 255 0.46 0.07 1.31
CA PRO A 255 -0.50 -0.27 0.27
C PRO A 255 -1.67 -1.14 0.72
N PHE A 256 -2.82 -0.91 0.07
CA PHE A 256 -3.96 -1.80 0.05
C PHE A 256 -3.96 -2.57 -1.29
N VAL A 257 -3.76 -3.88 -1.23
CA VAL A 257 -3.49 -4.68 -2.41
C VAL A 257 -4.58 -5.73 -2.69
N MET A 258 -4.83 -5.99 -3.97
CA MET A 258 -5.79 -7.05 -4.35
C MET A 258 -5.22 -7.94 -5.44
N LYS A 259 -5.52 -9.22 -5.38
CA LYS A 259 -5.08 -10.15 -6.41
C LYS A 259 -6.09 -10.25 -7.50
N SER A 260 -5.66 -9.93 -8.73
CA SER A 260 -6.52 -10.10 -9.89
C SER A 260 -6.63 -11.59 -10.24
N PRO A 261 -7.87 -12.11 -10.29
CA PRO A 261 -8.09 -13.47 -10.77
C PRO A 261 -7.91 -13.52 -12.29
N PHE A 262 -8.08 -12.38 -12.97
CA PHE A 262 -7.86 -12.29 -14.40
C PHE A 262 -6.45 -12.73 -14.78
N ASN A 263 -5.46 -12.41 -13.95
CA ASN A 263 -4.06 -12.69 -14.30
C ASN A 263 -3.13 -13.03 -13.15
N ASN A 264 -3.67 -13.36 -11.98
CA ASN A 264 -2.80 -13.82 -10.90
C ASN A 264 -1.88 -12.71 -10.31
N ARG A 265 -2.11 -11.44 -10.69
CA ARG A 265 -1.23 -10.31 -10.31
C ARG A 265 -1.72 -9.42 -9.13
N TRP A 266 -0.80 -8.98 -8.29
CA TRP A 266 -1.20 -8.09 -7.23
C TRP A 266 -1.23 -6.65 -7.72
N TYR A 267 -2.36 -5.99 -7.47
CA TYR A 267 -2.59 -4.61 -7.80
C TYR A 267 -2.75 -3.79 -6.54
N GLN A 268 -2.19 -2.59 -6.53
CA GLN A 268 -2.36 -1.74 -5.38
C GLN A 268 -3.56 -0.85 -5.61
N MET A 269 -4.64 -1.07 -4.86
CA MET A 269 -5.88 -0.32 -5.12
C MET A 269 -5.98 0.93 -4.26
N GLY A 270 -5.27 0.91 -3.14
CA GLY A 270 -5.35 1.96 -2.17
C GLY A 270 -4.02 2.24 -1.52
N ILE A 271 -3.96 3.44 -0.98
CA ILE A 271 -2.90 3.87 -0.10
C ILE A 271 -3.62 4.10 1.21
N VAL A 272 -3.14 3.47 2.28
CA VAL A 272 -3.74 3.64 3.60
C VAL A 272 -3.67 5.11 4.02
N SER A 273 -4.83 5.75 4.20
CA SER A 273 -4.92 7.15 4.61
C SER A 273 -5.24 7.26 6.11
N TRP A 274 -6.40 6.75 6.53
CA TRP A 274 -6.72 6.78 7.96
C TRP A 274 -7.65 5.66 8.42
N GLY A 275 -7.71 5.48 9.75
CA GLY A 275 -8.60 4.51 10.39
C GLY A 275 -9.81 5.15 11.04
N GLU A 276 -10.93 4.46 11.00
CA GLU A 276 -12.11 4.91 11.73
C GLU A 276 -12.54 3.88 12.79
N GLY A 277 -12.72 4.36 14.01
CA GLY A 277 -13.11 3.51 15.12
C GLY A 277 -12.10 2.43 15.45
N CYS A 278 -10.84 2.82 15.55
CA CYS A 278 -9.77 1.89 15.96
C CYS A 278 -9.92 1.51 17.42
N ASP A 279 -10.84 2.17 18.11
CA ASP A 279 -11.15 1.89 19.51
C ASP A 279 -12.52 1.16 19.66
N ARG A 280 -13.08 0.74 18.53
CA ARG A 280 -14.32 -0.05 18.50
C ARG A 280 -14.00 -1.53 18.25
N ASP A 281 -15.02 -2.38 18.23
CA ASP A 281 -14.82 -3.82 17.96
C ASP A 281 -14.57 -4.03 16.47
N GLY A 282 -15.38 -3.36 15.64
CA GLY A 282 -15.15 -3.30 14.20
C GLY A 282 -14.62 -1.95 13.73
N LYS A 283 -13.44 -2.00 13.11
CA LYS A 283 -12.76 -0.83 12.57
C LYS A 283 -12.92 -0.74 11.05
N TYR A 284 -13.09 0.49 10.55
CA TYR A 284 -13.05 0.75 9.10
C TYR A 284 -11.78 1.47 8.73
N GLY A 285 -11.17 1.08 7.61
CA GLY A 285 -10.07 1.82 7.03
C GLY A 285 -10.49 2.68 5.84
N PHE A 286 -9.90 3.87 5.73
CA PHE A 286 -10.11 4.72 4.55
C PHE A 286 -8.86 4.82 3.72
N TYR A 287 -9.01 4.64 2.40
CA TYR A 287 -7.87 4.53 1.50
C TYR A 287 -7.98 5.51 0.40
N THR A 288 -6.86 6.10 0.00
CA THR A 288 -6.78 6.86 -1.23
C THR A 288 -7.00 5.93 -2.44
N HIS A 289 -7.98 6.30 -3.26
CA HIS A 289 -8.39 5.58 -4.47
C HIS A 289 -7.35 5.72 -5.59
N VAL A 290 -6.45 4.74 -5.70
CA VAL A 290 -5.25 4.90 -6.50
C VAL A 290 -5.62 5.11 -7.96
N PHE A 291 -6.71 4.46 -8.36
CA PHE A 291 -7.07 4.55 -9.75
C PHE A 291 -7.61 5.90 -10.10
N ARG A 292 -8.45 6.48 -9.25
CA ARG A 292 -8.91 7.83 -9.53
C ARG A 292 -7.78 8.82 -9.64
N LEU A 293 -6.60 8.46 -9.13
CA LEU A 293 -5.45 9.34 -9.16
C LEU A 293 -4.39 8.99 -10.20
N LYS A 294 -4.54 7.87 -10.93
CA LYS A 294 -3.53 7.47 -11.94
C LYS A 294 -3.17 8.67 -12.84
N LYS A 295 -4.20 9.42 -13.22
CA LYS A 295 -4.00 10.62 -14.02
C LYS A 295 -2.89 11.49 -13.42
N TRP A 296 -3.00 11.79 -12.12
CA TRP A 296 -2.02 12.64 -11.46
C TRP A 296 -0.66 11.94 -11.35
N ILE A 297 -0.67 10.62 -11.14
CA ILE A 297 0.57 9.86 -11.03
C ILE A 297 1.34 9.89 -12.35
N GLN A 298 0.61 9.70 -13.46
CA GLN A 298 1.18 9.77 -14.81
C GLN A 298 1.73 11.18 -15.06
N LYS A 299 0.92 12.19 -14.75
CA LYS A 299 1.40 13.54 -14.87
C LYS A 299 2.75 13.70 -14.17
N VAL A 300 2.93 13.24 -12.92
CA VAL A 300 4.25 13.50 -12.26
C VAL A 300 5.41 12.66 -12.75
N ILE A 301 5.14 11.39 -13.02
CA ILE A 301 6.17 10.52 -13.55
C ILE A 301 6.70 11.02 -14.91
N ASP A 302 5.89 11.52 -15.74
CA ASP A 302 6.21 11.98 -17.08
C ASP A 302 6.95 13.30 -17.07
N GLN A 303 6.55 14.21 -16.22
CA GLN A 303 7.23 15.47 -16.01
C GLN A 303 8.59 15.32 -15.35
N PHE A 304 8.73 14.35 -14.44
CA PHE A 304 9.84 14.39 -13.50
C PHE A 304 10.72 13.15 -13.48
N GLY A 305 10.36 12.16 -14.30
CA GLY A 305 10.96 10.84 -14.22
C GLY A 305 12.31 10.62 -14.90
N GLU A 306 12.52 11.27 -16.06
CA GLU A 306 13.81 11.17 -16.76
C GLU A 306 14.90 11.95 -15.99
P PO4 B . 19.34 7.16 15.96
O1 PO4 B . 18.80 8.28 16.82
O2 PO4 B . 20.47 6.50 16.69
O3 PO4 B . 18.26 6.12 15.77
O4 PO4 B . 19.83 7.75 14.64
P PO4 C . -5.71 16.08 -10.71
O1 PO4 C . -4.96 17.36 -10.35
O2 PO4 C . -5.57 14.93 -9.72
O3 PO4 C . -7.20 16.37 -10.67
O4 PO4 C . -5.21 15.65 -12.07
P PO4 D . -16.51 1.74 -2.72
O1 PO4 D . -17.50 2.82 -3.12
O2 PO4 D . -15.97 1.94 -1.30
O3 PO4 D . -17.37 0.51 -2.77
O4 PO4 D . -15.41 1.73 -3.78
P PO4 E . -6.64 2.58 -18.32
O1 PO4 E . -7.57 3.72 -17.95
O2 PO4 E . -5.69 2.38 -17.17
O3 PO4 E . -7.53 1.40 -18.65
O4 PO4 E . -5.80 2.90 -19.54
P PO4 F . -13.68 16.68 -4.16
O1 PO4 F . -13.91 17.49 -2.89
O2 PO4 F . -12.72 15.55 -3.89
O3 PO4 F . -15.00 16.09 -4.60
O4 PO4 F . -13.11 17.58 -5.23
P PO4 G . 8.70 -9.10 2.77
O1 PO4 G . 8.57 -7.68 3.26
O2 PO4 G . 9.03 -10.02 3.93
O3 PO4 G . 7.37 -9.51 2.16
O4 PO4 G . 9.82 -9.14 1.74
P PO4 H . 12.99 -1.37 18.53
O1 PO4 H . 12.59 -0.75 19.87
O2 PO4 H . 12.18 -2.63 18.24
O3 PO4 H . 12.73 -0.33 17.45
O4 PO4 H . 14.45 -1.82 18.51
#